data_1GX4
#
_entry.id   1GX4
#
_cell.length_a   45.626
_cell.length_b   95.245
_cell.length_c   95.638
_cell.angle_alpha   90.00
_cell.angle_beta   99.09
_cell.angle_gamma   90.00
#
_symmetry.space_group_name_H-M   'P 1 21 1'
#
loop_
_entity.id
_entity.type
_entity.pdbx_description
1 polymer 'N-ACETYLLACTOSAMINIDE ALPHA-1,3-GALACTOSYLTRANSFERASE'
2 branched beta-D-galactopyranose-(1-4)-2-acetamido-2-deoxy-beta-D-glucopyranose
3 non-polymer "URIDINE-5'-DIPHOSPHATE"
4 non-polymer 'MANGANESE (II) ION'
5 non-polymer GLYCEROL
6 water water
#
_entity_poly.entity_id   1
_entity_poly.type   'polypeptide(L)'
_entity_poly.pdbx_seq_one_letter_code
;ESKLKLSDWFNPFKRPEVVTMTKWKAPVVWEGTYNRAVLDNYYAKQKITVGLTVFAVGRYIEHYLEEFLTSANKHFMVGH
PVIFYIMVDDVSRMPLIELGPLRSFKVFKIKPEKRWQDISMMRMKTIGEHIVAHIQHEVDFLFCMDVDQVFQDKFGVETL
GESVAQLQAWWYKADPNDFTYERRKESAAYIPFGEGDFYYHAAIFGGTPTQVLNITQECFKGILKDKKNDIEAQWHDESH
LNKYFLLNKPTKILSPEYCWDYHIGLPADIKLVKMSWQTKEYNVVRNNV
;
_entity_poly.pdbx_strand_id   A,B
#
loop_
_chem_comp.id
_chem_comp.type
_chem_comp.name
_chem_comp.formula
GAL D-saccharide, beta linking beta-D-galactopyranose 'C6 H12 O6'
GOL non-polymer GLYCEROL 'C3 H8 O3'
MN non-polymer 'MANGANESE (II) ION' 'Mn 2'
NAG D-saccharide, beta linking 2-acetamido-2-deoxy-beta-D-glucopyranose 'C8 H15 N O6'
UDP RNA linking URIDINE-5'-DIPHOSPHATE 'C9 H14 N2 O12 P2'
#
# COMPACT_ATOMS: atom_id res chain seq x y z
N LYS A 3 3.49 13.87 -23.44
CA LYS A 3 3.05 15.10 -24.07
C LYS A 3 3.62 16.33 -23.37
N LEU A 4 4.21 16.10 -22.20
CA LEU A 4 4.80 17.18 -21.41
C LEU A 4 5.98 17.77 -22.18
N LYS A 5 6.11 19.08 -22.14
CA LYS A 5 7.29 19.77 -22.66
C LYS A 5 8.00 20.52 -21.54
N LEU A 6 9.33 20.58 -21.60
CA LEU A 6 10.10 21.21 -20.51
C LEU A 6 9.57 22.59 -20.16
N SER A 7 9.35 23.44 -21.15
CA SER A 7 8.91 24.81 -20.87
C SER A 7 7.50 24.84 -20.29
N ASP A 8 6.73 23.76 -20.38
CA ASP A 8 5.41 23.74 -19.76
C ASP A 8 5.50 23.95 -18.25
N TRP A 9 6.60 23.51 -17.62
CA TRP A 9 6.73 23.49 -16.18
C TRP A 9 8.03 24.07 -15.64
N PHE A 10 9.09 24.30 -16.41
CA PHE A 10 10.43 24.69 -15.93
C PHE A 10 10.85 26.05 -16.47
N ASN A 11 11.16 27.02 -15.62
CA ASN A 11 11.56 28.36 -16.05
C ASN A 11 12.90 28.70 -15.41
N PRO A 12 14.00 28.49 -16.13
CA PRO A 12 15.34 28.69 -15.53
C PRO A 12 15.65 30.13 -15.17
N PHE A 13 14.99 31.10 -15.81
CA PHE A 13 15.29 32.50 -15.58
C PHE A 13 14.86 32.96 -14.19
N LYS A 14 14.07 32.16 -13.49
CA LYS A 14 13.73 32.44 -12.11
C LYS A 14 14.94 32.31 -11.17
N ARG A 15 15.99 31.63 -11.57
CA ARG A 15 17.15 31.42 -10.71
C ARG A 15 18.42 31.66 -11.54
N PRO A 16 18.62 32.92 -11.90
CA PRO A 16 19.69 33.27 -12.84
C PRO A 16 21.08 33.08 -12.27
N GLU A 17 21.25 32.95 -10.96
CA GLU A 17 22.64 32.96 -10.49
C GLU A 17 23.15 31.58 -10.09
N VAL A 18 22.47 30.52 -10.48
CA VAL A 18 22.89 29.12 -10.25
C VAL A 18 22.79 28.35 -11.55
N VAL A 19 23.37 27.15 -11.63
CA VAL A 19 23.28 26.33 -12.84
C VAL A 19 21.91 25.68 -12.96
N THR A 20 21.18 25.93 -14.05
CA THR A 20 19.82 25.45 -14.21
C THR A 20 19.70 24.52 -15.42
N MET A 21 20.75 24.44 -16.24
CA MET A 21 20.68 23.55 -17.40
C MET A 21 22.04 22.94 -17.70
N THR A 22 22.09 21.65 -18.01
CA THR A 22 23.35 20.98 -18.33
C THR A 22 23.67 21.08 -19.83
N LYS A 23 24.89 20.70 -20.22
CA LYS A 23 25.27 20.77 -21.63
C LYS A 23 24.49 19.77 -22.48
N TRP A 24 23.95 18.73 -21.86
CA TRP A 24 23.15 17.75 -22.58
C TRP A 24 21.65 18.03 -22.41
N LYS A 25 21.31 19.22 -21.95
CA LYS A 25 19.99 19.85 -21.95
C LYS A 25 19.05 19.26 -20.91
N ALA A 26 19.59 18.72 -19.82
CA ALA A 26 18.78 18.30 -18.67
C ALA A 26 18.61 19.47 -17.71
N PRO A 27 17.40 19.62 -17.15
CA PRO A 27 17.18 20.68 -16.15
C PRO A 27 17.83 20.36 -14.80
N VAL A 28 18.32 21.38 -14.09
CA VAL A 28 18.71 21.29 -12.69
C VAL A 28 17.60 21.99 -11.88
N VAL A 29 16.82 21.25 -11.10
CA VAL A 29 15.63 21.78 -10.45
C VAL A 29 15.94 22.47 -9.12
N TRP A 30 15.76 23.80 -9.13
CA TRP A 30 15.94 24.70 -8.01
C TRP A 30 14.61 25.29 -7.55
N GLU A 31 14.47 25.64 -6.27
CA GLU A 31 13.27 26.33 -5.79
C GLU A 31 13.03 27.61 -6.59
N GLY A 32 11.80 27.80 -7.10
CA GLY A 32 11.53 28.94 -7.95
C GLY A 32 11.39 28.57 -9.41
N THR A 33 12.06 27.52 -9.86
CA THR A 33 12.02 27.21 -11.28
C THR A 33 10.81 26.35 -11.67
N TYR A 34 10.10 25.71 -10.75
CA TYR A 34 9.14 24.68 -11.15
C TYR A 34 7.70 25.16 -10.95
N ASN A 35 6.81 24.70 -11.81
CA ASN A 35 5.37 24.92 -11.68
C ASN A 35 4.67 23.66 -11.21
N ARG A 36 4.52 23.46 -9.90
CA ARG A 36 4.02 22.18 -9.38
C ARG A 36 2.56 21.97 -9.73
N ALA A 37 1.78 23.04 -9.77
CA ALA A 37 0.35 22.88 -10.06
C ALA A 37 0.13 22.27 -11.45
N VAL A 38 0.87 22.78 -12.43
CA VAL A 38 0.81 22.24 -13.80
C VAL A 38 1.14 20.75 -13.77
N LEU A 39 2.19 20.39 -13.04
CA LEU A 39 2.60 18.98 -13.03
C LEU A 39 1.66 18.07 -12.23
N ASP A 40 1.10 18.57 -11.13
CA ASP A 40 0.18 17.73 -10.36
C ASP A 40 -1.06 17.40 -11.20
N ASN A 41 -1.51 18.37 -12.00
CA ASN A 41 -2.68 18.09 -12.84
C ASN A 41 -2.33 17.07 -13.92
N TYR A 42 -1.16 17.23 -14.55
CA TYR A 42 -0.75 16.31 -15.62
C TYR A 42 -0.58 14.87 -15.13
N TYR A 43 0.10 14.68 -14.01
CA TYR A 43 0.33 13.33 -13.49
C TYR A 43 -0.94 12.77 -12.87
N ALA A 44 -1.80 13.59 -12.27
CA ALA A 44 -3.05 12.98 -11.78
C ALA A 44 -3.87 12.38 -12.91
N LYS A 45 -3.89 13.04 -14.07
CA LYS A 45 -4.75 12.54 -15.16
C LYS A 45 -4.22 11.21 -15.70
N GLN A 46 -2.92 11.01 -15.52
CA GLN A 46 -2.34 9.72 -15.87
C GLN A 46 -2.51 8.73 -14.72
N LYS A 47 -2.95 9.19 -13.56
CA LYS A 47 -3.06 8.28 -12.43
C LYS A 47 -1.74 7.57 -12.14
N ILE A 48 -0.68 8.29 -11.80
CA ILE A 48 0.56 7.59 -11.45
C ILE A 48 0.62 7.13 -9.99
N THR A 49 1.50 6.17 -9.70
CA THR A 49 1.91 5.78 -8.35
C THR A 49 3.43 5.91 -8.24
N VAL A 50 3.95 6.39 -7.11
CA VAL A 50 5.40 6.56 -6.94
C VAL A 50 5.90 5.70 -5.80
N GLY A 51 6.99 4.97 -5.99
CA GLY A 51 7.59 4.13 -4.97
C GLY A 51 8.81 4.75 -4.30
N LEU A 52 9.15 4.29 -3.10
CA LEU A 52 10.31 4.77 -2.34
C LEU A 52 10.95 3.61 -1.59
N THR A 53 12.19 3.21 -1.89
CA THR A 53 12.88 2.18 -1.11
C THR A 53 13.73 2.80 -0.01
N VAL A 54 13.79 2.19 1.18
CA VAL A 54 14.69 2.61 2.27
C VAL A 54 15.14 1.38 3.05
N PHE A 55 16.44 1.30 3.37
CA PHE A 55 17.08 0.24 4.13
C PHE A 55 17.42 0.71 5.54
N ALA A 56 17.16 -0.15 6.51
CA ALA A 56 17.69 0.11 7.86
C ALA A 56 18.13 -1.20 8.52
N VAL A 57 19.44 -1.34 8.69
CA VAL A 57 20.07 -2.57 9.19
C VAL A 57 20.84 -2.24 10.45
N GLY A 58 20.66 -2.99 11.53
CA GLY A 58 21.33 -2.70 12.80
C GLY A 58 20.70 -1.50 13.50
N ARG A 59 21.50 -0.72 14.22
CA ARG A 59 20.93 0.36 15.03
CA ARG A 59 21.04 0.40 15.03
C ARG A 59 20.55 1.59 14.22
N TYR A 60 20.73 1.54 12.91
CA TYR A 60 20.11 2.55 12.03
C TYR A 60 18.59 2.46 12.17
N ILE A 61 18.05 1.29 12.54
CA ILE A 61 16.61 1.20 12.74
C ILE A 61 16.13 2.13 13.86
N GLU A 62 16.63 1.97 15.08
CA GLU A 62 16.25 2.80 16.22
C GLU A 62 16.61 4.26 16.06
N HIS A 63 17.75 4.55 15.38
CA HIS A 63 18.18 5.94 15.30
C HIS A 63 17.41 6.75 14.26
N TYR A 64 17.03 6.16 13.12
CA TYR A 64 16.61 6.94 11.97
C TYR A 64 15.30 6.51 11.35
N LEU A 65 14.82 5.27 11.49
CA LEU A 65 13.74 4.83 10.58
C LEU A 65 12.43 5.54 10.89
N GLU A 66 12.05 5.70 12.16
CA GLU A 66 10.80 6.40 12.46
C GLU A 66 10.83 7.82 11.90
N GLU A 67 11.90 8.58 12.18
CA GLU A 67 11.87 9.97 11.71
C GLU A 67 11.83 10.04 10.18
N PHE A 68 12.55 9.15 9.49
CA PHE A 68 12.49 9.13 8.03
C PHE A 68 11.04 8.89 7.58
N LEU A 69 10.39 7.82 8.03
CA LEU A 69 9.03 7.50 7.54
C LEU A 69 7.96 8.52 7.92
N THR A 70 8.02 9.07 9.13
CA THR A 70 7.04 10.08 9.56
C THR A 70 7.12 11.31 8.66
N SER A 71 8.36 11.73 8.34
CA SER A 71 8.58 12.88 7.45
C SER A 71 8.23 12.57 6.01
N ALA A 72 8.50 11.37 5.51
CA ALA A 72 8.09 10.98 4.15
C ALA A 72 6.58 10.99 4.01
N ASN A 73 5.87 10.50 5.03
CA ASN A 73 4.39 10.50 5.01
C ASN A 73 3.84 11.90 4.80
N LYS A 74 4.44 12.88 5.47
CA LYS A 74 3.99 14.27 5.43
C LYS A 74 4.34 14.98 4.13
N HIS A 75 5.49 14.68 3.52
CA HIS A 75 6.03 15.59 2.49
C HIS A 75 6.26 14.97 1.11
N PHE A 76 6.32 13.64 0.93
CA PHE A 76 6.73 13.02 -0.32
C PHE A 76 5.58 12.82 -1.30
N MET A 77 5.55 13.46 -2.47
CA MET A 77 4.55 13.26 -3.52
C MET A 77 3.12 13.39 -3.00
N VAL A 78 2.86 14.40 -2.16
CA VAL A 78 1.51 14.56 -1.59
C VAL A 78 0.51 14.75 -2.71
N GLY A 79 -0.64 14.08 -2.62
CA GLY A 79 -1.67 14.18 -3.65
C GLY A 79 -1.68 13.05 -4.65
N HIS A 80 -0.70 12.15 -4.57
CA HIS A 80 -0.58 10.97 -5.42
C HIS A 80 -0.36 9.71 -4.61
N PRO A 81 -0.82 8.54 -5.08
CA PRO A 81 -0.55 7.30 -4.37
C PRO A 81 0.96 7.01 -4.27
N VAL A 82 1.41 6.64 -3.09
CA VAL A 82 2.80 6.31 -2.78
C VAL A 82 2.88 4.96 -2.07
N ILE A 83 3.88 4.14 -2.38
CA ILE A 83 4.18 2.91 -1.66
C ILE A 83 5.59 2.99 -1.08
N PHE A 84 5.75 2.85 0.23
CA PHE A 84 7.04 2.74 0.90
C PHE A 84 7.47 1.28 1.02
N TYR A 85 8.67 0.95 0.53
CA TYR A 85 9.25 -0.39 0.60
C TYR A 85 10.39 -0.37 1.62
N ILE A 86 10.19 -1.05 2.76
CA ILE A 86 11.13 -0.95 3.88
C ILE A 86 11.90 -2.25 4.02
N MET A 87 13.23 -2.16 3.99
CA MET A 87 14.06 -3.36 4.05
C MET A 87 14.83 -3.39 5.37
N VAL A 88 14.61 -4.35 6.26
CA VAL A 88 15.25 -4.35 7.58
C VAL A 88 15.76 -5.76 7.90
N ASP A 89 16.75 -5.88 8.80
CA ASP A 89 17.25 -7.20 9.18
C ASP A 89 16.42 -7.81 10.32
N ASP A 90 15.66 -7.00 11.02
CA ASP A 90 14.88 -7.50 12.18
C ASP A 90 13.52 -6.81 12.19
N VAL A 91 12.49 -7.51 11.70
CA VAL A 91 11.18 -6.88 11.51
C VAL A 91 10.54 -6.60 12.85
N SER A 92 11.01 -7.32 13.88
CA SER A 92 10.43 -7.09 15.20
C SER A 92 10.77 -5.72 15.73
N ARG A 93 11.77 -5.02 15.19
CA ARG A 93 12.10 -3.68 15.64
C ARG A 93 11.54 -2.58 14.75
N MET A 94 10.69 -2.93 13.79
CA MET A 94 10.25 -1.90 12.85
C MET A 94 9.20 -1.00 13.47
N PRO A 95 9.36 0.32 13.37
CA PRO A 95 8.36 1.22 13.97
C PRO A 95 7.10 1.29 13.11
N LEU A 96 5.93 0.92 13.59
CA LEU A 96 4.74 0.85 12.76
C LEU A 96 3.89 2.11 12.90
N ILE A 97 4.30 3.24 12.37
CA ILE A 97 3.59 4.51 12.44
C ILE A 97 2.27 4.59 11.69
N GLU A 98 1.46 5.60 12.04
CA GLU A 98 0.23 5.81 11.26
C GLU A 98 0.54 6.56 9.96
N LEU A 99 -0.01 6.08 8.85
CA LEU A 99 0.13 6.70 7.55
C LEU A 99 -1.14 7.48 7.19
N GLY A 100 -0.99 8.50 6.36
CA GLY A 100 -2.02 9.39 5.87
C GLY A 100 -2.62 9.01 4.52
N PRO A 101 -3.57 9.82 4.04
CA PRO A 101 -4.23 9.54 2.75
C PRO A 101 -3.22 9.30 1.64
N LEU A 102 -3.47 8.26 0.83
CA LEU A 102 -2.69 7.92 -0.36
C LEU A 102 -1.30 7.40 -0.05
N ARG A 103 -0.99 7.06 1.20
CA ARG A 103 0.23 6.33 1.54
C ARG A 103 -0.10 4.88 1.95
N SER A 104 0.74 3.92 1.62
CA SER A 104 0.72 2.56 2.14
C SER A 104 2.13 1.97 2.12
N PHE A 105 2.32 0.79 2.73
CA PHE A 105 3.68 0.24 2.79
C PHE A 105 3.74 -1.27 2.76
N LYS A 106 4.97 -1.79 2.61
CA LYS A 106 5.23 -3.20 2.93
C LYS A 106 6.69 -3.37 3.35
N VAL A 107 6.92 -4.40 4.15
CA VAL A 107 8.18 -4.62 4.85
C VAL A 107 8.77 -5.96 4.43
N PHE A 108 10.08 -6.04 4.19
CA PHE A 108 10.84 -7.24 3.88
C PHE A 108 12.02 -7.43 4.85
N LYS A 109 12.22 -8.69 5.23
CA LYS A 109 13.39 -9.09 6.03
C LYS A 109 14.58 -9.40 5.13
N ILE A 110 15.71 -8.74 5.36
CA ILE A 110 16.93 -9.03 4.57
C ILE A 110 18.05 -9.55 5.47
N LYS A 111 19.07 -10.18 4.88
CA LYS A 111 20.26 -10.63 5.62
C LYS A 111 21.15 -9.44 5.97
N PRO A 112 21.64 -9.33 7.20
CA PRO A 112 22.62 -8.27 7.52
C PRO A 112 24.04 -8.61 7.10
N GLU A 113 24.66 -7.82 6.22
CA GLU A 113 26.04 -8.16 5.85
C GLU A 113 26.97 -7.85 7.03
N LYS A 114 28.14 -8.45 7.10
CA LYS A 114 29.04 -8.29 8.23
C LYS A 114 29.71 -6.92 8.31
N ARG A 115 30.08 -6.33 7.20
CA ARG A 115 30.72 -5.01 7.18
C ARG A 115 29.72 -3.92 6.81
N TRP A 116 29.73 -2.79 7.52
CA TRP A 116 28.84 -1.68 7.10
C TRP A 116 29.05 -1.32 5.64
N GLN A 117 30.27 -1.43 5.11
CA GLN A 117 30.53 -1.06 3.71
C GLN A 117 29.73 -1.95 2.77
N ASP A 118 29.62 -3.24 3.10
CA ASP A 118 28.84 -4.17 2.29
C ASP A 118 27.34 -4.00 2.54
N ILE A 119 26.90 -3.57 3.73
CA ILE A 119 25.47 -3.26 3.87
C ILE A 119 25.10 -2.16 2.89
N SER A 120 25.90 -1.09 2.83
CA SER A 120 25.60 0.02 1.90
C SER A 120 25.63 -0.44 0.45
N MET A 121 26.66 -1.19 0.03
CA MET A 121 26.81 -1.56 -1.38
C MET A 121 25.81 -2.61 -1.85
N MET A 122 25.42 -3.55 -0.99
CA MET A 122 24.51 -4.64 -1.37
C MET A 122 23.10 -4.12 -1.66
N ARG A 123 22.77 -2.90 -1.24
CA ARG A 123 21.48 -2.30 -1.62
C ARG A 123 21.29 -2.37 -3.13
N MET A 124 22.38 -2.18 -3.90
CA MET A 124 22.28 -2.16 -5.37
C MET A 124 21.73 -3.49 -5.87
N LYS A 125 22.23 -4.62 -5.35
CA LYS A 125 21.74 -5.95 -5.73
C LYS A 125 20.27 -6.16 -5.33
N THR A 126 19.98 -5.87 -4.06
CA THR A 126 18.63 -6.07 -3.52
C THR A 126 17.57 -5.23 -4.24
N ILE A 127 17.83 -3.96 -4.53
CA ILE A 127 16.84 -3.12 -5.22
C ILE A 127 16.51 -3.71 -6.59
N GLY A 128 17.52 -4.13 -7.36
CA GLY A 128 17.22 -4.73 -8.67
C GLY A 128 16.37 -5.98 -8.57
N GLU A 129 16.66 -6.85 -7.61
CA GLU A 129 15.84 -8.06 -7.41
C GLU A 129 14.38 -7.66 -7.17
N HIS A 130 14.17 -6.64 -6.34
CA HIS A 130 12.78 -6.24 -6.02
C HIS A 130 12.11 -5.59 -7.23
N ILE A 131 12.88 -4.89 -8.07
CA ILE A 131 12.26 -4.26 -9.25
C ILE A 131 11.72 -5.34 -10.16
N VAL A 132 12.53 -6.38 -10.42
CA VAL A 132 12.06 -7.46 -11.29
C VAL A 132 10.89 -8.20 -10.68
N ALA A 133 10.92 -8.48 -9.37
CA ALA A 133 9.87 -9.31 -8.78
C ALA A 133 8.54 -8.58 -8.64
N HIS A 134 8.53 -7.28 -8.31
CA HIS A 134 7.25 -6.62 -8.02
C HIS A 134 7.24 -5.12 -8.34
N ILE A 135 8.29 -4.35 -8.09
CA ILE A 135 8.15 -2.88 -8.17
C ILE A 135 7.84 -2.44 -9.59
N GLN A 136 8.38 -3.14 -10.59
CA GLN A 136 8.05 -2.78 -11.98
C GLN A 136 6.56 -2.87 -12.28
N HIS A 137 5.80 -3.67 -11.53
CA HIS A 137 4.36 -3.85 -11.75
C HIS A 137 3.51 -2.87 -10.95
N GLU A 138 4.12 -2.15 -10.02
CA GLU A 138 3.42 -1.41 -8.98
C GLU A 138 3.50 0.10 -9.15
N VAL A 139 4.55 0.66 -9.74
CA VAL A 139 4.76 2.09 -9.78
C VAL A 139 5.23 2.57 -11.15
N ASP A 140 5.06 3.87 -11.43
CA ASP A 140 5.56 4.51 -12.65
C ASP A 140 6.97 5.11 -12.50
N PHE A 141 7.35 5.49 -11.28
CA PHE A 141 8.63 6.08 -10.91
C PHE A 141 9.01 5.59 -9.51
N LEU A 142 10.31 5.44 -9.27
CA LEU A 142 10.88 4.96 -8.02
C LEU A 142 11.99 5.88 -7.51
N PHE A 143 12.04 6.22 -6.23
CA PHE A 143 13.22 6.81 -5.60
C PHE A 143 13.85 5.80 -4.65
N CYS A 144 15.18 5.83 -4.54
CA CYS A 144 15.95 4.99 -3.64
C CYS A 144 16.76 5.90 -2.71
N MET A 145 16.53 5.83 -1.40
CA MET A 145 17.06 6.81 -0.45
C MET A 145 17.77 6.20 0.76
N ASP A 146 18.79 6.89 1.26
CA ASP A 146 19.37 6.65 2.58
C ASP A 146 18.35 6.90 3.70
N VAL A 147 18.48 6.22 4.82
CA VAL A 147 17.59 6.41 5.97
C VAL A 147 18.06 7.53 6.89
N ASP A 148 19.32 7.95 6.86
CA ASP A 148 19.87 8.92 7.82
C ASP A 148 19.64 10.38 7.41
N GLN A 149 18.38 10.72 7.13
CA GLN A 149 18.02 12.06 6.66
C GLN A 149 16.52 12.25 6.93
N VAL A 150 16.01 13.46 6.89
CA VAL A 150 14.64 13.83 7.24
C VAL A 150 14.01 14.78 6.23
N PHE A 151 12.80 14.51 5.73
CA PHE A 151 12.10 15.45 4.86
C PHE A 151 11.67 16.71 5.64
N GLN A 152 11.84 17.89 5.06
CA GLN A 152 11.57 19.17 5.73
C GLN A 152 10.50 19.98 5.02
N ASP A 153 10.21 19.71 3.74
CA ASP A 153 9.14 20.45 3.05
C ASP A 153 8.76 19.66 1.79
N LYS A 154 7.84 20.16 0.96
CA LYS A 154 7.29 19.32 -0.11
C LYS A 154 8.36 18.85 -1.10
N PHE A 155 8.40 17.55 -1.34
CA PHE A 155 9.31 16.85 -2.26
C PHE A 155 8.40 16.19 -3.30
N GLY A 156 8.07 16.90 -4.37
CA GLY A 156 6.92 16.58 -5.19
C GLY A 156 7.20 16.14 -6.60
N VAL A 157 6.18 16.17 -7.46
CA VAL A 157 6.31 15.61 -8.81
C VAL A 157 7.27 16.41 -9.71
N GLU A 158 7.70 17.60 -9.30
CA GLU A 158 8.74 18.33 -10.03
C GLU A 158 10.05 17.54 -10.09
N THR A 159 10.23 16.54 -9.22
CA THR A 159 11.44 15.73 -9.15
C THR A 159 11.41 14.48 -10.04
N LEU A 160 10.29 14.15 -10.70
CA LEU A 160 10.14 12.90 -11.44
C LEU A 160 10.84 12.95 -12.80
N GLY A 161 11.36 11.82 -13.27
CA GLY A 161 11.94 11.81 -14.62
C GLY A 161 12.48 10.43 -14.97
N GLU A 162 12.96 10.19 -16.19
CA GLU A 162 13.49 8.87 -16.59
C GLU A 162 14.66 8.43 -15.71
N SER A 163 15.65 9.33 -15.51
CA SER A 163 16.75 9.04 -14.57
C SER A 163 17.12 10.31 -13.81
N VAL A 164 17.12 10.24 -12.48
CA VAL A 164 17.21 11.42 -11.62
C VAL A 164 18.38 11.30 -10.65
N ALA A 165 19.25 12.32 -10.61
CA ALA A 165 20.43 12.41 -9.79
C ALA A 165 20.34 13.61 -8.83
N GLN A 166 21.07 13.54 -7.71
CA GLN A 166 21.13 14.54 -6.67
C GLN A 166 22.48 15.22 -6.58
N LEU A 167 22.58 16.55 -6.61
CA LEU A 167 23.89 17.17 -6.36
C LEU A 167 24.27 17.12 -4.89
N GLN A 168 25.48 16.65 -4.57
CA GLN A 168 25.95 16.59 -3.19
C GLN A 168 26.23 18.00 -2.68
N ALA A 169 25.69 18.30 -1.48
CA ALA A 169 25.66 19.64 -0.92
C ALA A 169 27.00 20.34 -0.78
N TRP A 170 28.08 19.62 -0.46
CA TRP A 170 29.38 20.23 -0.16
C TRP A 170 30.16 20.54 -1.44
N TRP A 171 29.72 20.07 -2.59
CA TRP A 171 30.55 20.09 -3.80
C TRP A 171 29.91 20.75 -5.00
N TYR A 172 28.68 21.30 -4.94
CA TYR A 172 27.96 21.73 -6.14
C TYR A 172 28.60 22.93 -6.83
N LYS A 173 29.40 23.76 -6.14
CA LYS A 173 30.08 24.88 -6.78
C LYS A 173 31.53 24.54 -7.13
N ALA A 174 32.03 23.37 -6.79
CA ALA A 174 33.44 23.02 -7.01
C ALA A 174 33.76 22.62 -8.45
N ASP A 175 35.03 22.69 -8.83
CA ASP A 175 35.56 22.19 -10.11
C ASP A 175 35.73 20.67 -10.07
N PRO A 176 35.44 19.97 -11.17
CA PRO A 176 35.57 18.51 -11.18
C PRO A 176 36.89 17.94 -10.69
N ASN A 177 38.02 18.61 -10.92
CA ASN A 177 39.29 18.06 -10.46
C ASN A 177 39.46 18.09 -8.95
N ASP A 178 38.53 18.77 -8.27
CA ASP A 178 38.48 18.71 -6.81
C ASP A 178 37.50 17.64 -6.30
N PHE A 179 36.69 17.03 -7.14
CA PHE A 179 35.71 16.05 -6.65
C PHE A 179 36.39 14.80 -6.10
N THR A 180 35.76 14.20 -5.09
CA THR A 180 36.25 12.97 -4.48
C THR A 180 35.79 11.73 -5.25
N TYR A 181 35.94 11.73 -6.58
CA TYR A 181 35.80 10.51 -7.38
C TYR A 181 36.85 9.45 -7.01
N GLU A 182 36.58 8.18 -7.30
CA GLU A 182 37.65 7.16 -7.25
C GLU A 182 38.73 7.43 -8.30
N ARG A 183 40.00 7.56 -7.90
CA ARG A 183 41.06 8.00 -8.81
C ARG A 183 42.07 6.90 -9.13
N ARG A 184 41.88 5.67 -8.67
CA ARG A 184 42.77 4.53 -8.98
C ARG A 184 42.27 3.78 -10.22
N LYS A 185 43.12 3.64 -11.24
CA LYS A 185 42.66 3.07 -12.50
C LYS A 185 42.33 1.58 -12.36
N GLU A 186 42.73 0.93 -11.28
CA GLU A 186 42.40 -0.47 -11.07
C GLU A 186 40.94 -0.70 -10.65
N SER A 187 40.19 0.34 -10.27
CA SER A 187 38.79 0.20 -9.88
C SER A 187 37.84 0.40 -11.06
N ALA A 188 36.77 -0.38 -11.11
CA ALA A 188 35.68 -0.16 -12.07
C ALA A 188 35.09 1.25 -11.95
N ALA A 189 35.23 1.90 -10.80
CA ALA A 189 34.62 3.21 -10.58
C ALA A 189 35.52 4.38 -11.00
N TYR A 190 36.71 4.11 -11.55
CA TYR A 190 37.71 5.13 -11.88
C TYR A 190 37.17 6.22 -12.80
N ILE A 191 37.43 7.47 -12.41
CA ILE A 191 37.20 8.64 -13.27
C ILE A 191 38.51 9.42 -13.35
N PRO A 192 39.13 9.56 -14.53
CA PRO A 192 40.40 10.29 -14.65
C PRO A 192 40.27 11.78 -14.33
N PHE A 193 41.38 12.36 -13.86
CA PHE A 193 41.42 13.82 -13.83
C PHE A 193 41.17 14.36 -15.23
N GLY A 194 40.46 15.48 -15.31
CA GLY A 194 40.11 16.03 -16.61
C GLY A 194 38.72 15.61 -17.08
N GLU A 195 38.06 14.69 -16.37
CA GLU A 195 36.72 14.27 -16.76
C GLU A 195 35.72 14.48 -15.62
N GLY A 196 34.44 14.46 -15.94
CA GLY A 196 33.37 14.62 -14.96
C GLY A 196 32.52 15.87 -15.17
N ASP A 197 31.23 15.77 -14.84
CA ASP A 197 30.29 16.88 -14.97
C ASP A 197 29.92 17.46 -13.59
N PHE A 198 29.50 16.61 -12.67
CA PHE A 198 29.08 16.96 -11.33
C PHE A 198 29.47 15.88 -10.31
N TYR A 199 29.41 16.18 -9.02
CA TYR A 199 29.55 15.15 -8.00
C TYR A 199 28.18 14.81 -7.43
N TYR A 200 27.68 13.60 -7.72
CA TYR A 200 26.34 13.18 -7.32
C TYR A 200 26.38 12.44 -5.98
N HIS A 201 25.35 12.64 -5.16
CA HIS A 201 25.19 12.02 -3.84
C HIS A 201 24.40 10.72 -3.94
N ALA A 202 24.92 9.61 -3.38
CA ALA A 202 24.22 8.33 -3.45
C ALA A 202 23.06 8.25 -2.45
N ALA A 203 22.83 9.28 -1.64
CA ALA A 203 21.71 9.30 -0.69
C ALA A 203 20.34 9.45 -1.36
N ILE A 204 20.25 9.94 -2.60
CA ILE A 204 19.01 10.04 -3.34
C ILE A 204 19.28 9.75 -4.82
N PHE A 205 18.62 8.75 -5.41
CA PHE A 205 18.60 8.63 -6.89
C PHE A 205 17.28 7.99 -7.32
N GLY A 206 16.87 8.16 -8.57
CA GLY A 206 15.59 7.55 -8.97
C GLY A 206 15.37 7.54 -10.46
N GLY A 207 14.11 7.24 -10.86
CA GLY A 207 13.81 7.12 -12.27
C GLY A 207 12.64 6.23 -12.53
N THR A 208 12.38 5.84 -13.79
CA THR A 208 11.42 4.76 -14.04
C THR A 208 11.98 3.43 -13.54
N PRO A 209 11.16 2.42 -13.26
CA PRO A 209 11.71 1.13 -12.82
C PRO A 209 12.72 0.58 -13.82
N THR A 210 12.47 0.75 -15.11
CA THR A 210 13.46 0.28 -16.09
C THR A 210 14.81 0.94 -15.92
N GLN A 211 14.81 2.26 -15.74
CA GLN A 211 16.11 2.94 -15.62
C GLN A 211 16.82 2.61 -14.32
N VAL A 212 16.07 2.59 -13.20
CA VAL A 212 16.71 2.29 -11.91
C VAL A 212 17.25 0.85 -11.93
N LEU A 213 16.58 -0.07 -12.63
CA LEU A 213 17.15 -1.42 -12.77
C LEU A 213 18.52 -1.34 -13.45
N ASN A 214 18.65 -0.53 -14.51
CA ASN A 214 19.95 -0.43 -15.16
C ASN A 214 20.99 0.25 -14.26
N ILE A 215 20.65 1.31 -13.54
CA ILE A 215 21.57 1.98 -12.60
C ILE A 215 22.10 0.98 -11.58
N THR A 216 21.19 0.28 -10.90
CA THR A 216 21.60 -0.66 -9.84
C THR A 216 22.35 -1.88 -10.35
N GLN A 217 21.94 -2.46 -11.48
CA GLN A 217 22.64 -3.61 -12.06
C GLN A 217 24.08 -3.25 -12.44
N GLU A 218 24.29 -2.10 -13.08
CA GLU A 218 25.62 -1.70 -13.55
C GLU A 218 26.51 -1.34 -12.37
N CYS A 219 25.99 -0.61 -11.38
CA CYS A 219 26.78 -0.37 -10.16
C CYS A 219 27.16 -1.68 -9.47
N PHE A 220 26.24 -2.64 -9.33
CA PHE A 220 26.61 -3.88 -8.61
C PHE A 220 27.63 -4.69 -9.39
N LYS A 221 27.55 -4.69 -10.73
CA LYS A 221 28.60 -5.33 -11.52
C LYS A 221 29.97 -4.77 -11.19
N GLY A 222 30.06 -3.45 -11.04
CA GLY A 222 31.34 -2.79 -10.73
C GLY A 222 31.84 -3.15 -9.34
N ILE A 223 30.94 -3.18 -8.36
CA ILE A 223 31.26 -3.60 -7.00
C ILE A 223 31.82 -5.02 -7.00
N LEU A 224 31.24 -5.93 -7.77
CA LEU A 224 31.70 -7.32 -7.82
C LEU A 224 33.05 -7.46 -8.52
N LYS A 225 33.27 -6.71 -9.59
CA LYS A 225 34.55 -6.75 -10.30
C LYS A 225 35.68 -6.28 -9.40
N ASP A 226 35.44 -5.20 -8.64
CA ASP A 226 36.46 -4.69 -7.72
C ASP A 226 36.85 -5.76 -6.71
N LYS A 227 35.87 -6.51 -6.18
CA LYS A 227 36.14 -7.58 -5.21
C LYS A 227 37.12 -8.61 -5.78
N LYS A 228 36.94 -8.97 -7.05
CA LYS A 228 37.82 -9.93 -7.72
C LYS A 228 39.20 -9.33 -7.96
N ASN A 229 39.34 -8.03 -8.01
CA ASN A 229 40.64 -7.38 -8.17
C ASN A 229 41.19 -6.84 -6.85
N ASP A 230 40.62 -7.26 -5.72
CA ASP A 230 41.13 -6.92 -4.39
C ASP A 230 41.24 -5.42 -4.19
N ILE A 231 40.19 -4.69 -4.58
CA ILE A 231 40.18 -3.22 -4.41
C ILE A 231 38.78 -2.81 -3.95
N GLU A 232 38.66 -1.74 -3.14
CA GLU A 232 37.35 -1.25 -2.70
C GLU A 232 37.28 0.25 -2.89
N ALA A 233 36.32 0.74 -3.66
CA ALA A 233 36.24 2.16 -4.05
C ALA A 233 36.10 3.09 -2.85
N GLN A 234 36.72 4.27 -2.92
CA GLN A 234 36.88 5.18 -1.81
C GLN A 234 35.56 5.54 -1.14
N TRP A 235 34.51 5.76 -1.94
CA TRP A 235 33.20 6.07 -1.34
C TRP A 235 32.20 5.01 -1.74
N HIS A 236 32.65 3.77 -1.89
CA HIS A 236 31.75 2.61 -2.01
C HIS A 236 30.71 2.78 -3.11
N ASP A 237 29.43 2.55 -2.83
CA ASP A 237 28.44 2.61 -3.91
C ASP A 237 28.37 3.99 -4.56
N GLU A 238 28.67 5.07 -3.83
CA GLU A 238 28.64 6.43 -4.40
C GLU A 238 29.69 6.62 -5.49
N SER A 239 30.87 5.97 -5.32
CA SER A 239 31.90 6.07 -6.36
C SER A 239 31.43 5.44 -7.68
N HIS A 240 30.81 4.27 -7.58
CA HIS A 240 30.23 3.56 -8.72
C HIS A 240 29.07 4.35 -9.33
N LEU A 241 28.21 4.95 -8.50
CA LEU A 241 27.08 5.73 -9.04
C LEU A 241 27.59 6.93 -9.84
N ASN A 242 28.65 7.58 -9.39
CA ASN A 242 29.23 8.71 -10.16
C ASN A 242 29.79 8.24 -11.50
N LYS A 243 30.40 7.05 -11.57
CA LYS A 243 30.89 6.51 -12.84
C LYS A 243 29.71 6.21 -13.76
N TYR A 244 28.67 5.60 -13.19
CA TYR A 244 27.49 5.33 -14.00
C TYR A 244 27.00 6.65 -14.64
N PHE A 245 26.77 7.69 -13.86
CA PHE A 245 26.08 8.89 -14.38
C PHE A 245 27.02 9.69 -15.28
N LEU A 246 28.33 9.41 -15.27
CA LEU A 246 29.22 10.03 -16.24
C LEU A 246 28.99 9.41 -17.62
N LEU A 247 28.83 8.09 -17.67
CA LEU A 247 28.60 7.33 -18.89
C LEU A 247 27.17 7.42 -19.41
N ASN A 248 26.21 7.48 -18.52
CA ASN A 248 24.78 7.47 -18.83
C ASN A 248 24.15 8.70 -18.16
N LYS A 249 24.16 9.85 -18.86
CA LYS A 249 23.87 11.11 -18.19
C LYS A 249 22.43 11.15 -17.68
N PRO A 250 22.19 11.70 -16.49
CA PRO A 250 20.82 11.75 -15.94
C PRO A 250 19.93 12.69 -16.75
N THR A 251 18.64 12.35 -16.85
CA THR A 251 17.72 13.24 -17.58
C THR A 251 17.21 14.38 -16.69
N LYS A 252 17.41 14.34 -15.38
CA LYS A 252 17.06 15.41 -14.45
C LYS A 252 18.04 15.40 -13.28
N ILE A 253 18.43 16.56 -12.79
CA ILE A 253 19.23 16.72 -11.57
C ILE A 253 18.50 17.60 -10.55
N LEU A 254 18.61 17.25 -9.26
CA LEU A 254 18.03 18.02 -8.15
C LEU A 254 19.08 18.93 -7.50
N SER A 255 18.74 20.18 -7.20
CA SER A 255 19.64 21.09 -6.51
C SER A 255 19.91 20.60 -5.08
N PRO A 256 20.96 21.11 -4.45
CA PRO A 256 21.23 20.74 -3.05
C PRO A 256 20.13 21.16 -2.09
N GLU A 257 19.16 21.99 -2.46
CA GLU A 257 17.98 22.24 -1.61
C GLU A 257 17.24 20.93 -1.33
N TYR A 258 17.37 19.94 -2.23
CA TYR A 258 16.68 18.65 -2.07
C TYR A 258 17.45 17.67 -1.19
N CYS A 259 18.65 17.99 -0.70
CA CYS A 259 19.42 17.13 0.21
C CYS A 259 20.51 17.99 0.84
N TRP A 260 20.16 18.77 1.87
CA TRP A 260 21.06 19.80 2.41
C TRP A 260 21.70 19.40 3.73
N ASP A 261 22.96 19.76 3.94
CA ASP A 261 23.67 19.54 5.21
C ASP A 261 23.73 20.83 6.03
N TYR A 262 22.93 20.99 7.08
CA TYR A 262 22.95 22.25 7.83
C TYR A 262 24.27 22.49 8.55
N HIS A 263 25.17 21.50 8.60
CA HIS A 263 26.51 21.79 9.16
C HIS A 263 27.24 22.83 8.33
N ILE A 264 26.86 23.01 7.06
CA ILE A 264 27.45 24.03 6.18
C ILE A 264 27.01 25.43 6.53
N GLY A 265 25.84 25.54 7.16
CA GLY A 265 25.13 26.80 7.36
C GLY A 265 23.93 26.89 6.43
N LEU A 266 23.49 28.10 6.12
CA LEU A 266 22.38 28.29 5.17
C LEU A 266 22.71 29.53 4.32
N PRO A 267 23.41 29.30 3.22
CA PRO A 267 23.83 30.41 2.36
C PRO A 267 22.73 30.87 1.42
N ALA A 268 22.97 31.95 0.67
CA ALA A 268 21.93 32.59 -0.11
C ALA A 268 21.31 31.67 -1.16
N ASP A 269 22.07 30.76 -1.76
CA ASP A 269 21.58 29.92 -2.85
C ASP A 269 20.56 28.89 -2.37
N ILE A 270 20.48 28.61 -1.08
CA ILE A 270 19.57 27.53 -0.62
C ILE A 270 18.31 28.17 -0.10
N LYS A 271 17.27 28.23 -0.92
CA LYS A 271 16.09 29.07 -0.62
C LYS A 271 15.00 28.38 0.18
N LEU A 272 14.72 27.10 -0.02
CA LEU A 272 13.73 26.34 0.75
C LEU A 272 14.21 24.89 0.82
N VAL A 273 14.60 24.38 1.97
CA VAL A 273 15.15 23.03 2.11
C VAL A 273 14.04 21.99 2.12
N LYS A 274 14.16 20.96 1.26
CA LYS A 274 13.16 19.91 1.18
C LYS A 274 13.57 18.68 2.00
N MET A 275 14.87 18.48 2.23
CA MET A 275 15.38 17.32 2.96
C MET A 275 16.70 17.70 3.64
N SER A 276 16.98 17.23 4.86
CA SER A 276 18.24 17.54 5.55
C SER A 276 18.94 16.29 6.06
N TRP A 277 20.29 16.32 6.06
CA TRP A 277 21.08 15.23 6.61
C TRP A 277 20.92 15.11 8.13
N GLN A 278 20.88 13.89 8.67
CA GLN A 278 21.11 13.69 10.11
C GLN A 278 22.60 13.80 10.45
N THR A 279 22.89 14.31 11.65
CA THR A 279 24.24 14.28 12.20
C THR A 279 24.81 12.87 12.24
N LYS A 280 26.08 12.71 11.83
CA LYS A 280 26.64 11.36 11.84
C LYS A 280 26.87 10.86 13.27
N GLU A 281 26.69 9.57 13.51
CA GLU A 281 26.80 8.92 14.82
C GLU A 281 27.51 7.59 14.70
N TYR A 282 28.57 7.56 13.92
CA TYR A 282 29.19 6.28 13.55
C TYR A 282 29.65 5.47 14.75
N ASN A 283 30.03 6.06 15.89
CA ASN A 283 30.49 5.28 17.04
C ASN A 283 29.39 4.34 17.56
N VAL A 284 28.13 4.71 17.37
CA VAL A 284 27.03 3.86 17.81
C VAL A 284 26.45 3.00 16.70
N VAL A 285 26.22 3.57 15.50
CA VAL A 285 25.42 2.81 14.53
C VAL A 285 26.24 1.86 13.65
N ARG A 286 27.56 2.02 13.63
CA ARG A 286 28.44 1.12 12.87
C ARG A 286 29.26 0.26 13.82
N ASN A 287 29.55 -0.99 13.44
CA ASN A 287 30.18 -1.93 14.36
C ASN A 287 31.41 -2.58 13.74
N ASN A 288 31.92 -1.97 12.67
CA ASN A 288 33.29 -2.20 12.22
C ASN A 288 33.93 -0.91 11.73
N VAL A 289 35.26 -0.87 11.69
CA VAL A 289 35.93 0.27 11.06
C VAL A 289 35.73 0.25 9.55
N LYS B 3 -20.24 0.79 -19.51
CA LYS B 3 -20.12 0.04 -20.77
C LYS B 3 -20.21 -1.47 -20.53
N LEU B 4 -19.57 -1.96 -19.46
CA LEU B 4 -19.69 -3.39 -19.15
C LEU B 4 -21.14 -3.76 -18.90
N LYS B 5 -21.59 -4.87 -19.47
CA LYS B 5 -22.96 -5.32 -19.17
C LYS B 5 -22.97 -6.72 -18.58
N LEU B 6 -24.04 -7.06 -17.85
CA LEU B 6 -24.08 -8.34 -17.15
C LEU B 6 -23.77 -9.52 -18.05
N SER B 7 -24.36 -9.57 -19.24
CA SER B 7 -24.14 -10.74 -20.10
C SER B 7 -22.71 -10.85 -20.62
N ASP B 8 -21.92 -9.78 -20.52
CA ASP B 8 -20.52 -9.87 -20.89
C ASP B 8 -19.76 -10.89 -20.04
N TRP B 9 -20.17 -11.12 -18.80
CA TRP B 9 -19.38 -11.94 -17.88
C TRP B 9 -20.23 -12.94 -17.12
N PHE B 10 -21.55 -12.85 -17.12
CA PHE B 10 -22.39 -13.70 -16.27
C PHE B 10 -23.34 -14.57 -17.11
N ASN B 11 -23.27 -15.89 -16.92
CA ASN B 11 -24.12 -16.84 -17.64
C ASN B 11 -24.86 -17.71 -16.64
N PRO B 12 -26.09 -17.36 -16.30
CA PRO B 12 -26.78 -18.10 -15.24
C PRO B 12 -27.09 -19.53 -15.68
N PHE B 13 -27.09 -19.82 -16.97
CA PHE B 13 -27.55 -21.13 -17.42
C PHE B 13 -26.52 -22.20 -17.12
N LYS B 14 -25.32 -21.77 -16.70
CA LYS B 14 -24.28 -22.72 -16.31
C LYS B 14 -24.59 -23.38 -14.96
N ARG B 15 -25.51 -22.84 -14.16
CA ARG B 15 -25.84 -23.47 -12.86
C ARG B 15 -27.36 -23.49 -12.72
N PRO B 16 -28.05 -24.36 -13.45
CA PRO B 16 -29.51 -24.35 -13.49
C PRO B 16 -30.18 -24.82 -12.20
N GLU B 17 -29.47 -25.42 -11.26
CA GLU B 17 -30.20 -26.00 -10.13
C GLU B 17 -30.13 -25.15 -8.87
N VAL B 18 -29.63 -23.93 -8.99
CA VAL B 18 -29.58 -23.03 -7.83
C VAL B 18 -30.14 -21.66 -8.23
N VAL B 19 -30.36 -20.75 -7.28
CA VAL B 19 -30.87 -19.44 -7.61
C VAL B 19 -29.78 -18.55 -8.18
N THR B 20 -29.95 -18.06 -9.42
CA THR B 20 -28.89 -17.27 -10.06
C THR B 20 -29.29 -15.83 -10.37
N MET B 21 -30.57 -15.50 -10.25
CA MET B 21 -30.98 -14.11 -10.45
C MET B 21 -32.07 -13.73 -9.44
N THR B 22 -32.07 -12.51 -8.92
CA THR B 22 -33.11 -12.09 -7.98
C THR B 22 -34.31 -11.45 -8.69
N LYS B 23 -35.39 -11.18 -7.97
CA LYS B 23 -36.57 -10.54 -8.55
C LYS B 23 -36.23 -9.15 -9.12
N TRP B 24 -35.24 -8.50 -8.55
CA TRP B 24 -34.86 -7.14 -8.94
C TRP B 24 -33.68 -7.22 -9.92
N LYS B 25 -33.43 -8.40 -10.46
CA LYS B 25 -32.54 -8.68 -11.58
C LYS B 25 -31.05 -8.56 -11.22
N ALA B 26 -30.71 -8.83 -9.98
CA ALA B 26 -29.29 -8.86 -9.61
C ALA B 26 -28.78 -10.29 -9.72
N PRO B 27 -27.51 -10.46 -10.12
CA PRO B 27 -26.94 -11.81 -10.18
C PRO B 27 -26.62 -12.36 -8.79
N VAL B 28 -26.77 -13.66 -8.64
CA VAL B 28 -26.16 -14.43 -7.55
C VAL B 28 -24.97 -15.20 -8.14
N VAL B 29 -23.74 -14.89 -7.72
CA VAL B 29 -22.55 -15.44 -8.38
C VAL B 29 -22.17 -16.79 -7.79
N TRP B 30 -22.34 -17.83 -8.59
CA TRP B 30 -21.91 -19.20 -8.30
C TRP B 30 -20.73 -19.63 -9.19
N GLU B 31 -19.89 -20.54 -8.68
CA GLU B 31 -18.83 -21.15 -9.47
C GLU B 31 -19.36 -21.68 -10.80
N GLY B 32 -18.73 -21.37 -11.93
CA GLY B 32 -19.24 -21.79 -13.24
C GLY B 32 -20.02 -20.70 -13.97
N THR B 33 -20.62 -19.73 -13.27
CA THR B 33 -21.38 -18.68 -13.91
C THR B 33 -20.55 -17.52 -14.45
N TYR B 34 -19.32 -17.32 -13.99
CA TYR B 34 -18.58 -16.06 -14.21
C TYR B 34 -17.42 -16.24 -15.19
N ASN B 35 -17.13 -15.24 -16.00
CA ASN B 35 -15.97 -15.22 -16.89
C ASN B 35 -14.88 -14.31 -16.35
N ARG B 36 -13.97 -14.83 -15.51
CA ARG B 36 -12.98 -13.97 -14.86
C ARG B 36 -12.02 -13.33 -15.84
N ALA B 37 -11.71 -13.98 -16.95
CA ALA B 37 -10.73 -13.40 -17.87
C ALA B 37 -11.28 -12.14 -18.54
N VAL B 38 -12.56 -12.16 -18.90
CA VAL B 38 -13.19 -10.98 -19.51
C VAL B 38 -13.14 -9.82 -18.51
N LEU B 39 -13.46 -10.09 -17.26
CA LEU B 39 -13.42 -9.01 -16.26
C LEU B 39 -12.02 -8.55 -15.89
N ASP B 40 -11.05 -9.46 -15.80
CA ASP B 40 -9.67 -9.02 -15.49
C ASP B 40 -9.18 -8.06 -16.56
N ASN B 41 -9.50 -8.36 -17.82
CA ASN B 41 -9.05 -7.42 -18.86
C ASN B 41 -9.77 -6.08 -18.76
N TYR B 42 -11.08 -6.11 -18.55
CA TYR B 42 -11.84 -4.87 -18.41
C TYR B 42 -11.33 -3.98 -17.30
N TYR B 43 -11.12 -4.56 -16.11
CA TYR B 43 -10.77 -3.71 -14.96
C TYR B 43 -9.33 -3.26 -15.01
N ALA B 44 -8.45 -4.09 -15.57
CA ALA B 44 -7.05 -3.68 -15.71
C ALA B 44 -6.94 -2.46 -16.60
N LYS B 45 -7.78 -2.44 -17.65
CA LYS B 45 -7.71 -1.27 -18.54
C LYS B 45 -8.24 -0.05 -17.80
N GLN B 46 -9.06 -0.26 -16.79
CA GLN B 46 -9.56 0.87 -15.98
C GLN B 46 -8.57 1.27 -14.90
N LYS B 47 -7.56 0.43 -14.63
CA LYS B 47 -6.59 0.64 -13.57
C LYS B 47 -7.29 0.84 -12.23
N ILE B 48 -8.04 -0.18 -11.79
CA ILE B 48 -8.70 -0.05 -10.49
C ILE B 48 -7.78 -0.47 -9.33
N THR B 49 -8.12 -0.06 -8.11
CA THR B 49 -7.54 -0.51 -6.85
C THR B 49 -8.69 -0.99 -5.95
N VAL B 50 -8.51 -2.11 -5.26
CA VAL B 50 -9.50 -2.69 -4.36
C VAL B 50 -9.00 -2.66 -2.92
N GLY B 51 -9.82 -2.18 -1.98
CA GLY B 51 -9.53 -2.16 -0.57
C GLY B 51 -10.19 -3.29 0.22
N LEU B 52 -9.62 -3.57 1.40
CA LEU B 52 -10.12 -4.59 2.32
C LEU B 52 -9.92 -4.20 3.77
N THR B 53 -11.00 -3.98 4.54
CA THR B 53 -10.88 -3.67 5.96
C THR B 53 -11.01 -4.95 6.81
N VAL B 54 -10.22 -5.06 7.88
CA VAL B 54 -10.33 -6.18 8.83
C VAL B 54 -9.98 -5.68 10.24
N PHE B 55 -10.78 -6.08 11.23
CA PHE B 55 -10.59 -5.72 12.63
C PHE B 55 -10.08 -6.93 13.42
N ALA B 56 -9.14 -6.71 14.34
CA ALA B 56 -8.79 -7.73 15.33
C ALA B 56 -8.48 -7.06 16.67
N VAL B 57 -9.35 -7.34 17.64
CA VAL B 57 -9.24 -6.76 18.99
C VAL B 57 -9.10 -7.87 20.02
N GLY B 58 -8.14 -7.75 20.95
CA GLY B 58 -8.00 -8.81 21.94
C GLY B 58 -7.33 -10.06 21.37
N ARG B 59 -7.71 -11.22 21.91
CA ARG B 59 -7.14 -12.50 21.52
C ARG B 59 -7.40 -12.85 20.05
N TYR B 60 -8.32 -12.15 19.40
CA TYR B 60 -8.57 -12.35 17.97
C TYR B 60 -7.31 -12.04 17.16
N ILE B 61 -6.41 -11.19 17.67
CA ILE B 61 -5.18 -10.90 16.94
C ILE B 61 -4.31 -12.14 16.80
N GLU B 62 -3.93 -12.77 17.91
CA GLU B 62 -3.09 -13.95 17.86
C GLU B 62 -3.79 -15.17 17.25
N HIS B 63 -5.10 -15.31 17.49
CA HIS B 63 -5.81 -16.48 16.95
C HIS B 63 -5.98 -16.44 15.43
N TYR B 64 -6.27 -15.29 14.82
CA TYR B 64 -6.80 -15.24 13.46
C TYR B 64 -6.10 -14.29 12.50
N LEU B 65 -5.44 -13.20 12.95
CA LEU B 65 -5.05 -12.15 11.98
C LEU B 65 -3.96 -12.62 11.03
N GLU B 66 -2.93 -13.31 11.48
CA GLU B 66 -1.95 -13.80 10.51
C GLU B 66 -2.57 -14.70 9.44
N GLU B 67 -3.34 -15.72 9.84
CA GLU B 67 -3.89 -16.68 8.87
C GLU B 67 -4.77 -15.94 7.88
N PHE B 68 -5.51 -14.96 8.39
CA PHE B 68 -6.35 -14.15 7.49
C PHE B 68 -5.52 -13.43 6.44
N LEU B 69 -4.53 -12.66 6.87
CA LEU B 69 -3.76 -11.84 5.94
C LEU B 69 -2.89 -12.68 5.00
N THR B 70 -2.33 -13.78 5.49
CA THR B 70 -1.54 -14.66 4.63
C THR B 70 -2.39 -15.20 3.49
N SER B 71 -3.62 -15.59 3.80
CA SER B 71 -4.52 -16.16 2.78
C SER B 71 -5.06 -15.08 1.85
N ALA B 72 -5.33 -13.87 2.37
CA ALA B 72 -5.78 -12.76 1.52
C ALA B 72 -4.71 -12.38 0.49
N ASN B 73 -3.46 -12.35 0.93
CA ASN B 73 -2.36 -12.00 0.04
C ASN B 73 -2.32 -12.94 -1.16
N LYS B 74 -2.57 -14.23 -0.92
CA LYS B 74 -2.50 -15.28 -1.94
C LYS B 74 -3.70 -15.29 -2.88
N HIS B 75 -4.90 -14.92 -2.42
CA HIS B 75 -6.12 -15.22 -3.14
C HIS B 75 -7.00 -14.03 -3.46
N PHE B 76 -6.87 -12.85 -2.85
CA PHE B 76 -7.86 -11.77 -3.02
C PHE B 76 -7.48 -10.85 -4.19
N MET B 77 -8.28 -10.78 -5.27
CA MET B 77 -8.11 -9.86 -6.39
C MET B 77 -6.72 -9.95 -7.03
N VAL B 78 -6.24 -11.17 -7.22
CA VAL B 78 -4.91 -11.36 -7.79
C VAL B 78 -4.87 -10.71 -9.17
N GLY B 79 -3.81 -9.97 -9.45
CA GLY B 79 -3.62 -9.28 -10.72
C GLY B 79 -3.98 -7.81 -10.69
N HIS B 80 -4.51 -7.32 -9.57
CA HIS B 80 -4.90 -5.93 -9.36
C HIS B 80 -4.30 -5.35 -8.09
N PRO B 81 -3.96 -4.07 -8.03
CA PRO B 81 -3.52 -3.45 -6.77
C PRO B 81 -4.58 -3.58 -5.68
N VAL B 82 -4.13 -3.99 -4.51
CA VAL B 82 -4.95 -4.14 -3.30
C VAL B 82 -4.29 -3.43 -2.13
N ILE B 83 -5.11 -2.79 -1.28
CA ILE B 83 -4.66 -2.20 -0.01
C ILE B 83 -5.42 -2.83 1.16
N PHE B 84 -4.70 -3.47 2.08
CA PHE B 84 -5.31 -4.00 3.30
C PHE B 84 -5.29 -2.95 4.41
N TYR B 85 -6.46 -2.68 5.01
CA TYR B 85 -6.62 -1.74 6.11
C TYR B 85 -6.84 -2.48 7.42
N ILE B 86 -5.87 -2.48 8.33
CA ILE B 86 -5.91 -3.32 9.51
C ILE B 86 -6.16 -2.49 10.76
N MET B 87 -7.23 -2.79 11.50
CA MET B 87 -7.58 -2.05 12.70
C MET B 87 -7.37 -2.95 13.92
N VAL B 88 -6.51 -2.61 14.87
CA VAL B 88 -6.24 -3.43 16.05
C VAL B 88 -6.14 -2.55 17.30
N ASP B 89 -6.32 -3.11 18.50
CA ASP B 89 -6.20 -2.30 19.72
C ASP B 89 -4.76 -2.19 20.22
N ASP B 90 -3.87 -3.05 19.75
CA ASP B 90 -2.47 -3.05 20.17
C ASP B 90 -1.59 -3.32 18.95
N VAL B 91 -0.97 -2.28 18.42
CA VAL B 91 -0.21 -2.44 17.19
C VAL B 91 1.06 -3.25 17.44
N SER B 92 1.54 -3.30 18.69
CA SER B 92 2.76 -4.07 18.95
C SER B 92 2.51 -5.56 18.80
N ARG B 93 1.26 -5.98 18.67
CA ARG B 93 0.89 -7.37 18.52
C ARG B 93 0.58 -7.71 17.06
N MET B 94 0.74 -6.75 16.16
CA MET B 94 0.37 -6.99 14.75
CA MET B 94 0.42 -6.92 14.74
C MET B 94 1.37 -7.88 14.04
N PRO B 95 0.93 -8.96 13.39
CA PRO B 95 1.87 -9.82 12.62
C PRO B 95 2.27 -9.24 11.28
N LEU B 96 3.55 -8.90 11.08
CA LEU B 96 4.02 -8.21 9.89
C LEU B 96 4.54 -9.15 8.80
N ILE B 97 3.64 -9.88 8.17
CA ILE B 97 3.93 -10.88 7.14
C ILE B 97 4.50 -10.26 5.86
N GLU B 98 5.11 -11.13 5.04
CA GLU B 98 5.59 -10.69 3.72
C GLU B 98 4.40 -10.67 2.73
N LEU B 99 4.29 -9.57 2.00
CA LEU B 99 3.25 -9.41 0.99
C LEU B 99 3.84 -9.57 -0.41
N GLY B 100 3.00 -10.00 -1.34
CA GLY B 100 3.42 -10.26 -2.72
C GLY B 100 3.15 -9.13 -3.68
N PRO B 101 3.39 -9.31 -4.97
CA PRO B 101 3.20 -8.24 -5.95
C PRO B 101 1.76 -7.71 -5.91
N LEU B 102 1.64 -6.39 -6.01
CA LEU B 102 0.38 -5.64 -6.07
C LEU B 102 -0.37 -5.63 -4.75
N ARG B 103 0.21 -6.06 -3.64
CA ARG B 103 -0.35 -5.89 -2.31
C ARG B 103 0.46 -4.87 -1.49
N SER B 104 -0.22 -4.07 -0.68
CA SER B 104 0.40 -3.23 0.35
C SER B 104 -0.59 -3.06 1.52
N PHE B 105 -0.15 -2.41 2.62
CA PHE B 105 -1.11 -2.20 3.69
C PHE B 105 -0.83 -0.98 4.56
N LYS B 106 -1.76 -0.73 5.49
CA LYS B 106 -1.51 0.20 6.59
C LYS B 106 -2.37 -0.18 7.81
N VAL B 107 -1.88 0.21 8.98
CA VAL B 107 -2.36 -0.22 10.28
C VAL B 107 -2.76 0.97 11.15
N PHE B 108 -3.88 0.81 11.84
CA PHE B 108 -4.43 1.84 12.73
C PHE B 108 -4.69 1.27 14.12
N LYS B 109 -4.38 2.02 15.16
CA LYS B 109 -4.72 1.70 16.55
C LYS B 109 -6.13 2.18 16.88
N ILE B 110 -7.04 1.31 17.31
CA ILE B 110 -8.38 1.67 17.78
C ILE B 110 -8.58 1.36 19.26
N LYS B 111 -9.61 1.99 19.86
CA LYS B 111 -10.03 1.73 21.24
C LYS B 111 -10.71 0.36 21.34
N PRO B 112 -10.36 -0.45 22.34
CA PRO B 112 -11.10 -1.70 22.58
C PRO B 112 -12.37 -1.42 23.38
N GLU B 113 -13.52 -1.77 22.81
CA GLU B 113 -14.78 -1.66 23.56
C GLU B 113 -14.82 -2.76 24.62
N LYS B 114 -15.55 -2.53 25.70
CA LYS B 114 -15.58 -3.44 26.85
C LYS B 114 -16.33 -4.73 26.55
N ARG B 115 -17.40 -4.66 25.79
CA ARG B 115 -18.22 -5.82 25.45
C ARG B 115 -17.89 -6.29 24.02
N TRP B 116 -17.72 -7.60 23.83
CA TRP B 116 -17.49 -8.13 22.49
C TRP B 116 -18.61 -7.71 21.54
N GLN B 117 -19.85 -7.60 22.03
CA GLN B 117 -20.97 -7.17 21.17
C GLN B 117 -20.71 -5.79 20.59
N ASP B 118 -20.15 -4.89 21.40
CA ASP B 118 -19.87 -3.52 20.95
C ASP B 118 -18.61 -3.45 20.08
N ILE B 119 -17.66 -4.37 20.29
CA ILE B 119 -16.51 -4.47 19.39
C ILE B 119 -17.04 -4.77 18.00
N SER B 120 -17.95 -5.73 17.85
CA SER B 120 -18.48 -6.05 16.52
C SER B 120 -19.27 -4.90 15.92
N MET B 121 -20.13 -4.26 16.74
CA MET B 121 -21.04 -3.24 16.23
C MET B 121 -20.33 -1.93 15.93
N MET B 122 -19.31 -1.56 16.71
CA MET B 122 -18.61 -0.28 16.47
C MET B 122 -17.84 -0.23 15.16
N ARG B 123 -17.55 -1.40 14.58
CA ARG B 123 -16.95 -1.45 13.25
C ARG B 123 -17.70 -0.57 12.24
N MET B 124 -19.02 -0.52 12.34
CA MET B 124 -19.82 0.26 11.37
C MET B 124 -19.43 1.74 11.45
N LYS B 125 -19.28 2.28 12.66
CA LYS B 125 -18.88 3.67 12.85
C LYS B 125 -17.46 3.93 12.34
N THR B 126 -16.49 3.13 12.77
CA THR B 126 -15.08 3.27 12.38
C THR B 126 -14.89 3.17 10.88
N ILE B 127 -15.51 2.19 10.22
CA ILE B 127 -15.37 2.08 8.76
C ILE B 127 -15.81 3.36 8.05
N GLY B 128 -16.95 3.93 8.45
CA GLY B 128 -17.43 5.17 7.84
C GLY B 128 -16.44 6.31 8.02
N GLU B 129 -15.89 6.47 9.21
CA GLU B 129 -14.90 7.53 9.46
C GLU B 129 -13.73 7.36 8.50
N HIS B 130 -13.24 6.12 8.36
CA HIS B 130 -12.09 5.91 7.46
C HIS B 130 -12.46 6.10 6.00
N ILE B 131 -13.69 5.79 5.55
CA ILE B 131 -14.00 6.07 4.14
C ILE B 131 -13.96 7.57 3.85
N VAL B 132 -14.48 8.41 4.75
CA VAL B 132 -14.48 9.87 4.50
C VAL B 132 -13.06 10.42 4.58
N ALA B 133 -12.24 9.94 5.53
CA ALA B 133 -10.91 10.52 5.67
C ALA B 133 -9.92 10.10 4.59
N HIS B 134 -9.95 8.85 4.13
CA HIS B 134 -8.93 8.40 3.15
C HIS B 134 -9.43 7.34 2.18
N ILE B 135 -10.26 6.35 2.54
CA ILE B 135 -10.48 5.23 1.59
C ILE B 135 -11.17 5.70 0.32
N GLN B 136 -12.07 6.69 0.39
CA GLN B 136 -12.76 7.21 -0.81
C GLN B 136 -11.78 7.72 -1.86
N HIS B 137 -10.58 8.14 -1.44
CA HIS B 137 -9.58 8.68 -2.36
C HIS B 137 -8.60 7.62 -2.86
N GLU B 138 -8.65 6.42 -2.29
CA GLU B 138 -7.63 5.40 -2.53
C GLU B 138 -8.08 4.23 -3.38
N VAL B 139 -9.38 3.89 -3.38
CA VAL B 139 -9.85 2.67 -4.03
C VAL B 139 -11.13 2.92 -4.82
N ASP B 140 -11.40 2.04 -5.79
CA ASP B 140 -12.64 2.07 -6.57
C ASP B 140 -13.72 1.18 -5.95
N PHE B 141 -13.35 0.16 -5.19
CA PHE B 141 -14.25 -0.77 -4.53
C PHE B 141 -13.64 -1.19 -3.18
N LEU B 142 -14.47 -1.49 -2.20
CA LEU B 142 -14.06 -1.88 -0.86
C LEU B 142 -14.82 -3.11 -0.38
N PHE B 143 -14.14 -4.07 0.25
CA PHE B 143 -14.80 -5.13 1.01
C PHE B 143 -14.48 -4.95 2.51
N CYS B 144 -15.43 -5.31 3.36
CA CYS B 144 -15.32 -5.25 4.82
C CYS B 144 -15.55 -6.67 5.36
N MET B 145 -14.57 -7.25 6.05
CA MET B 145 -14.62 -8.67 6.40
C MET B 145 -14.32 -8.95 7.87
N ASP B 146 -14.95 -10.00 8.39
CA ASP B 146 -14.59 -10.62 9.68
C ASP B 146 -13.15 -11.17 9.59
N VAL B 147 -12.43 -11.28 10.71
CA VAL B 147 -11.08 -11.86 10.72
C VAL B 147 -11.09 -13.38 10.92
N ASP B 148 -12.16 -13.96 11.50
CA ASP B 148 -12.22 -15.39 11.88
C ASP B 148 -12.60 -16.31 10.74
N GLN B 149 -11.87 -16.22 9.63
CA GLN B 149 -12.11 -16.96 8.40
C GLN B 149 -10.83 -16.96 7.55
N VAL B 150 -10.74 -17.82 6.54
CA VAL B 150 -9.53 -18.03 5.75
C VAL B 150 -9.85 -18.17 4.27
N PHE B 151 -9.12 -17.44 3.41
CA PHE B 151 -9.32 -17.61 1.96
C PHE B 151 -8.76 -18.97 1.53
N GLN B 152 -9.48 -19.70 0.67
CA GLN B 152 -9.11 -21.04 0.21
C GLN B 152 -8.86 -21.14 -1.30
N ASP B 153 -9.35 -20.20 -2.11
CA ASP B 153 -9.13 -20.17 -3.55
C ASP B 153 -9.44 -18.77 -4.07
N LYS B 154 -9.33 -18.56 -5.39
CA LYS B 154 -9.39 -17.20 -5.94
C LYS B 154 -10.73 -16.51 -5.63
N PHE B 155 -10.66 -15.32 -5.08
CA PHE B 155 -11.79 -14.44 -4.73
C PHE B 155 -11.55 -13.14 -5.50
N GLY B 156 -12.09 -13.06 -6.72
CA GLY B 156 -11.58 -12.10 -7.69
C GLY B 156 -12.59 -11.07 -8.15
N VAL B 157 -12.34 -10.44 -9.29
CA VAL B 157 -13.09 -9.28 -9.72
C VAL B 157 -14.54 -9.64 -10.07
N GLU B 158 -14.89 -10.91 -10.22
CA GLU B 158 -16.28 -11.33 -10.40
C GLU B 158 -17.16 -10.95 -9.20
N THR B 159 -16.56 -10.61 -8.05
CA THR B 159 -17.32 -10.25 -6.86
C THR B 159 -17.56 -8.74 -6.78
N LEU B 160 -16.99 -7.91 -7.65
CA LEU B 160 -17.13 -6.45 -7.53
C LEU B 160 -18.50 -5.93 -7.96
N GLY B 161 -18.98 -4.85 -7.35
CA GLY B 161 -20.22 -4.21 -7.76
C GLY B 161 -20.54 -2.99 -6.92
N GLU B 162 -21.68 -2.33 -7.18
CA GLU B 162 -22.03 -1.11 -6.45
C GLU B 162 -22.34 -1.41 -4.98
N SER B 163 -23.11 -2.46 -4.71
CA SER B 163 -23.38 -2.93 -3.36
CA SER B 163 -23.42 -2.94 -3.37
C SER B 163 -23.44 -4.46 -3.39
N VAL B 164 -22.63 -5.10 -2.54
CA VAL B 164 -22.41 -6.55 -2.61
C VAL B 164 -22.72 -7.23 -1.28
N ALA B 165 -23.58 -8.25 -1.31
CA ALA B 165 -23.99 -9.01 -0.13
C ALA B 165 -23.57 -10.47 -0.21
N GLN B 166 -23.48 -11.13 0.94
CA GLN B 166 -23.07 -12.53 1.06
C GLN B 166 -24.18 -13.42 1.58
N LEU B 167 -24.50 -14.55 0.92
CA LEU B 167 -25.49 -15.48 1.49
C LEU B 167 -24.91 -16.31 2.64
N GLN B 168 -25.56 -16.25 3.81
CA GLN B 168 -25.09 -17.04 4.96
C GLN B 168 -25.25 -18.54 4.69
N ALA B 169 -24.22 -19.35 4.87
CA ALA B 169 -24.12 -20.73 4.44
C ALA B 169 -25.21 -21.65 4.98
N TRP B 170 -25.69 -21.40 6.18
CA TRP B 170 -26.64 -22.33 6.80
C TRP B 170 -28.09 -22.09 6.35
N TRP B 171 -28.39 -20.99 5.64
CA TRP B 171 -29.76 -20.55 5.41
C TRP B 171 -30.11 -20.34 3.95
N TYR B 172 -29.22 -20.63 2.99
CA TYR B 172 -29.46 -20.17 1.62
C TYR B 172 -30.64 -20.90 0.99
N LYS B 173 -30.98 -22.11 1.42
CA LYS B 173 -32.12 -22.84 0.87
C LYS B 173 -33.39 -22.65 1.72
N ALA B 174 -33.35 -21.93 2.84
CA ALA B 174 -34.49 -21.85 3.76
C ALA B 174 -35.58 -20.87 3.34
N ASP B 175 -36.80 -21.06 3.84
CA ASP B 175 -37.90 -20.11 3.73
C ASP B 175 -37.64 -18.87 4.58
N PRO B 176 -37.83 -17.64 4.10
CA PRO B 176 -37.51 -16.46 4.91
C PRO B 176 -38.17 -16.42 6.28
N ASN B 177 -39.32 -17.09 6.46
CA ASN B 177 -40.05 -17.01 7.73
C ASN B 177 -39.41 -17.89 8.80
N ASP B 178 -38.35 -18.61 8.43
CA ASP B 178 -37.49 -19.34 9.36
C ASP B 178 -36.16 -18.62 9.62
N PHE B 179 -35.90 -17.52 8.91
CA PHE B 179 -34.67 -16.77 9.12
C PHE B 179 -34.59 -16.15 10.52
N THR B 180 -33.35 -16.04 11.02
CA THR B 180 -33.15 -15.43 12.34
C THR B 180 -33.02 -13.92 12.23
N TYR B 181 -33.92 -13.26 11.50
CA TYR B 181 -34.07 -11.80 11.58
C TYR B 181 -34.46 -11.35 12.98
N GLU B 182 -34.21 -10.08 13.33
CA GLU B 182 -34.77 -9.52 14.56
C GLU B 182 -36.29 -9.43 14.44
N ARG B 183 -37.06 -10.04 15.35
CA ARG B 183 -38.51 -10.08 15.21
C ARG B 183 -39.24 -9.19 16.23
N ARG B 184 -38.55 -8.39 17.05
CA ARG B 184 -39.22 -7.48 17.99
C ARG B 184 -39.44 -6.10 17.36
N LYS B 185 -40.70 -5.63 17.32
CA LYS B 185 -41.01 -4.38 16.64
C LYS B 185 -40.35 -3.16 17.27
N GLU B 186 -39.90 -3.27 18.52
CA GLU B 186 -39.23 -2.14 19.16
C GLU B 186 -37.83 -1.89 18.62
N SER B 187 -37.21 -2.80 17.89
CA SER B 187 -35.88 -2.62 17.30
C SER B 187 -35.92 -1.98 15.92
N ALA B 188 -34.96 -1.11 15.64
CA ALA B 188 -34.76 -0.54 14.30
C ALA B 188 -34.47 -1.63 13.26
N ALA B 189 -34.00 -2.81 13.68
CA ALA B 189 -33.69 -3.91 12.77
C ALA B 189 -34.88 -4.82 12.48
N TYR B 190 -36.07 -4.54 13.02
CA TYR B 190 -37.25 -5.40 12.86
C TYR B 190 -37.62 -5.71 11.41
N ILE B 191 -37.83 -7.00 11.11
CA ILE B 191 -38.41 -7.47 9.86
C ILE B 191 -39.58 -8.38 10.19
N PRO B 192 -40.81 -8.02 9.80
CA PRO B 192 -41.98 -8.85 10.15
C PRO B 192 -42.05 -10.15 9.35
N PHE B 193 -42.75 -11.14 9.93
CA PHE B 193 -43.04 -12.35 9.16
C PHE B 193 -43.82 -11.98 7.90
N GLY B 194 -43.50 -12.69 6.81
CA GLY B 194 -44.09 -12.32 5.54
C GLY B 194 -43.22 -11.37 4.72
N GLU B 195 -42.10 -10.88 5.25
CA GLU B 195 -41.13 -10.05 4.54
C GLU B 195 -39.75 -10.69 4.51
N GLY B 196 -38.91 -10.30 3.54
CA GLY B 196 -37.53 -10.79 3.45
C GLY B 196 -37.25 -11.49 2.12
N ASP B 197 -36.08 -11.26 1.54
CA ASP B 197 -35.61 -11.94 0.35
C ASP B 197 -34.62 -13.08 0.64
N PHE B 198 -33.57 -12.79 1.42
CA PHE B 198 -32.46 -13.68 1.74
C PHE B 198 -31.94 -13.39 3.16
N TYR B 199 -31.17 -14.32 3.72
CA TYR B 199 -30.47 -14.07 4.99
C TYR B 199 -28.99 -13.80 4.69
N TYR B 200 -28.56 -12.56 4.83
CA TYR B 200 -27.21 -12.10 4.49
C TYR B 200 -26.27 -12.21 5.70
N HIS B 201 -25.02 -12.61 5.44
CA HIS B 201 -23.99 -12.81 6.45
C HIS B 201 -23.17 -11.53 6.66
N ALA B 202 -23.05 -11.02 7.89
CA ALA B 202 -22.27 -9.79 8.11
C ALA B 202 -20.77 -10.02 8.03
N ALA B 203 -20.28 -11.25 7.83
CA ALA B 203 -18.84 -11.51 7.74
C ALA B 203 -18.22 -11.02 6.44
N ILE B 204 -19.01 -10.74 5.42
CA ILE B 204 -18.52 -10.16 4.16
C ILE B 204 -19.57 -9.20 3.60
N PHE B 205 -19.22 -7.94 3.39
CA PHE B 205 -20.07 -7.05 2.54
C PHE B 205 -19.17 -6.07 1.82
N GLY B 206 -19.62 -5.45 0.73
CA GLY B 206 -18.76 -4.48 0.05
C GLY B 206 -19.48 -3.64 -0.98
N GLY B 207 -18.72 -2.91 -1.80
CA GLY B 207 -19.32 -2.01 -2.78
C GLY B 207 -18.38 -0.87 -3.15
N THR B 208 -18.86 0.15 -3.85
CA THR B 208 -18.06 1.38 -4.01
C THR B 208 -17.91 2.06 -2.65
N PRO B 209 -16.90 2.88 -2.44
CA PRO B 209 -16.83 3.59 -1.15
C PRO B 209 -18.09 4.40 -0.87
N THR B 210 -18.75 5.03 -1.84
CA THR B 210 -20.01 5.76 -1.58
C THR B 210 -21.12 4.86 -1.04
N GLN B 211 -21.35 3.69 -1.63
CA GLN B 211 -22.39 2.78 -1.14
C GLN B 211 -21.98 2.18 0.20
N VAL B 212 -20.73 1.76 0.41
CA VAL B 212 -20.36 1.23 1.73
C VAL B 212 -20.52 2.28 2.83
N LEU B 213 -20.26 3.55 2.55
CA LEU B 213 -20.49 4.61 3.53
C LEU B 213 -21.96 4.68 3.94
N ASN B 214 -22.89 4.54 2.99
CA ASN B 214 -24.32 4.54 3.34
C ASN B 214 -24.74 3.30 4.11
N ILE B 215 -24.23 2.12 3.71
CA ILE B 215 -24.49 0.88 4.45
C ILE B 215 -24.09 1.03 5.92
N THR B 216 -22.85 1.47 6.14
CA THR B 216 -22.32 1.55 7.50
C THR B 216 -22.96 2.67 8.30
N GLN B 217 -23.17 3.85 7.72
CA GLN B 217 -23.84 4.95 8.44
C GLN B 217 -25.27 4.58 8.85
N GLU B 218 -26.03 3.93 7.96
CA GLU B 218 -27.42 3.58 8.29
C GLU B 218 -27.49 2.47 9.33
N CYS B 219 -26.62 1.47 9.21
CA CYS B 219 -26.55 0.44 10.25
C CYS B 219 -26.20 1.03 11.62
N PHE B 220 -25.23 1.96 11.67
CA PHE B 220 -24.83 2.48 12.98
C PHE B 220 -25.92 3.39 13.55
N LYS B 221 -26.67 4.11 12.71
CA LYS B 221 -27.81 4.85 13.24
C LYS B 221 -28.83 3.95 13.89
N GLY B 222 -29.09 2.76 13.34
CA GLY B 222 -30.01 1.84 14.02
C GLY B 222 -29.46 1.25 15.31
N ILE B 223 -28.16 0.99 15.33
CA ILE B 223 -27.50 0.52 16.54
C ILE B 223 -27.64 1.55 17.65
N LEU B 224 -27.39 2.83 17.37
CA LEU B 224 -27.54 3.91 18.36
C LEU B 224 -28.99 4.09 18.78
N LYS B 225 -29.97 3.98 17.88
CA LYS B 225 -31.37 4.16 18.24
C LYS B 225 -31.83 3.05 19.17
N ASP B 226 -31.43 1.80 18.88
CA ASP B 226 -31.73 0.72 19.81
C ASP B 226 -31.19 0.98 21.21
N LYS B 227 -29.97 1.49 21.33
CA LYS B 227 -29.46 1.83 22.66
C LYS B 227 -30.34 2.89 23.32
N LYS B 228 -30.84 3.91 22.62
CA LYS B 228 -31.73 4.85 23.32
C LYS B 228 -33.06 4.22 23.74
N ASN B 229 -33.50 3.14 23.10
CA ASN B 229 -34.73 2.44 23.42
C ASN B 229 -34.50 1.18 24.25
N ASP B 230 -33.29 1.01 24.82
CA ASP B 230 -33.00 -0.06 25.75
C ASP B 230 -33.26 -1.45 25.15
N ILE B 231 -32.81 -1.68 23.93
CA ILE B 231 -32.94 -2.97 23.28
C ILE B 231 -31.68 -3.27 22.47
N GLU B 232 -31.31 -4.52 22.27
CA GLU B 232 -30.12 -4.93 21.52
C GLU B 232 -30.51 -6.04 20.55
N ALA B 233 -30.31 -5.86 19.25
CA ALA B 233 -30.75 -6.81 18.23
C ALA B 233 -30.11 -8.19 18.37
N GLN B 234 -30.85 -9.25 18.00
CA GLN B 234 -30.44 -10.61 18.37
C GLN B 234 -29.06 -10.99 17.81
N TRP B 235 -28.80 -10.60 16.56
CA TRP B 235 -27.48 -10.85 15.95
C TRP B 235 -26.76 -9.54 15.64
N HIS B 236 -26.97 -8.51 16.49
CA HIS B 236 -26.10 -7.33 16.52
C HIS B 236 -26.00 -6.67 15.16
N ASP B 237 -24.78 -6.36 14.69
CA ASP B 237 -24.70 -5.66 13.41
C ASP B 237 -25.29 -6.45 12.25
N GLU B 238 -25.29 -7.78 12.31
CA GLU B 238 -25.91 -8.60 11.26
C GLU B 238 -27.41 -8.37 11.15
N SER B 239 -28.13 -8.19 12.26
CA SER B 239 -29.57 -7.92 12.16
C SER B 239 -29.83 -6.60 11.45
N HIS B 240 -29.06 -5.56 11.76
CA HIS B 240 -29.20 -4.25 11.11
C HIS B 240 -28.80 -4.35 9.63
N LEU B 241 -27.75 -5.11 9.30
CA LEU B 241 -27.38 -5.24 7.89
C LEU B 241 -28.51 -5.87 7.10
N ASN B 242 -29.18 -6.88 7.71
CA ASN B 242 -30.31 -7.51 7.00
C ASN B 242 -31.45 -6.53 6.79
N LYS B 243 -31.76 -5.65 7.74
CA LYS B 243 -32.79 -4.63 7.53
C LYS B 243 -32.33 -3.64 6.46
N TYR B 244 -31.06 -3.20 6.46
CA TYR B 244 -30.56 -2.33 5.38
C TYR B 244 -30.82 -2.96 4.00
N PHE B 245 -30.40 -4.21 3.79
CA PHE B 245 -30.44 -4.83 2.46
C PHE B 245 -31.85 -5.19 2.04
N LEU B 246 -32.81 -5.31 2.96
CA LEU B 246 -34.23 -5.41 2.58
C LEU B 246 -34.71 -4.12 1.92
N LEU B 247 -34.33 -2.98 2.50
CA LEU B 247 -34.82 -1.67 2.06
C LEU B 247 -34.04 -1.22 0.83
N ASN B 248 -32.75 -1.47 0.81
CA ASN B 248 -31.83 -1.04 -0.26
C ASN B 248 -31.19 -2.27 -0.88
N LYS B 249 -31.88 -2.85 -1.87
CA LYS B 249 -31.52 -4.16 -2.41
C LYS B 249 -30.09 -4.19 -2.94
N PRO B 250 -29.27 -5.21 -2.66
CA PRO B 250 -27.91 -5.25 -3.21
C PRO B 250 -27.90 -5.46 -4.73
N THR B 251 -26.88 -4.87 -5.39
CA THR B 251 -26.77 -5.04 -6.84
C THR B 251 -26.09 -6.34 -7.25
N LYS B 252 -25.46 -7.05 -6.32
CA LYS B 252 -24.80 -8.34 -6.54
C LYS B 252 -24.83 -9.13 -5.23
N ILE B 253 -25.05 -10.44 -5.34
CA ILE B 253 -24.99 -11.33 -4.17
C ILE B 253 -24.00 -12.45 -4.45
N LEU B 254 -23.22 -12.87 -3.46
CA LEU B 254 -22.30 -14.00 -3.60
C LEU B 254 -22.89 -15.29 -3.03
N SER B 255 -22.72 -16.43 -3.70
CA SER B 255 -23.17 -17.73 -3.21
C SER B 255 -22.42 -18.16 -1.94
N PRO B 256 -22.92 -19.14 -1.20
CA PRO B 256 -22.20 -19.65 -0.03
C PRO B 256 -20.83 -20.25 -0.34
N GLU B 257 -20.49 -20.56 -1.60
CA GLU B 257 -19.13 -20.95 -1.95
C GLU B 257 -18.14 -19.87 -1.52
N TYR B 258 -18.54 -18.60 -1.48
CA TYR B 258 -17.67 -17.46 -1.12
C TYR B 258 -17.53 -17.27 0.39
N CYS B 259 -18.27 -18.05 1.21
CA CYS B 259 -18.11 -18.02 2.67
C CYS B 259 -18.73 -19.27 3.27
N TRP B 260 -17.98 -20.38 3.27
CA TRP B 260 -18.55 -21.70 3.57
C TRP B 260 -18.16 -22.19 4.97
N ASP B 261 -19.09 -22.83 5.69
CA ASP B 261 -18.85 -23.50 6.96
C ASP B 261 -18.73 -25.03 6.78
N TYR B 262 -17.51 -25.57 6.88
CA TYR B 262 -17.29 -27.00 6.66
C TYR B 262 -17.94 -27.85 7.75
N HIS B 263 -18.42 -27.24 8.86
CA HIS B 263 -19.19 -28.02 9.83
C HIS B 263 -20.49 -28.56 9.22
N ILE B 264 -20.96 -27.93 8.15
CA ILE B 264 -22.15 -28.41 7.41
C ILE B 264 -21.82 -29.70 6.66
N GLY B 265 -20.56 -29.86 6.27
CA GLY B 265 -20.12 -30.88 5.32
C GLY B 265 -19.79 -30.22 3.97
N LEU B 266 -19.77 -30.99 2.88
CA LEU B 266 -19.62 -30.45 1.53
C LEU B 266 -20.63 -31.11 0.60
N PRO B 267 -21.79 -30.48 0.42
CA PRO B 267 -22.85 -31.00 -0.45
C PRO B 267 -22.66 -30.65 -1.91
N ALA B 268 -23.51 -31.19 -2.78
CA ALA B 268 -23.34 -31.08 -4.22
C ALA B 268 -23.34 -29.66 -4.77
N ASP B 269 -24.09 -28.73 -4.20
CA ASP B 269 -24.15 -27.36 -4.70
C ASP B 269 -22.87 -26.56 -4.50
N ILE B 270 -21.98 -26.98 -3.60
CA ILE B 270 -20.81 -26.16 -3.26
C ILE B 270 -19.61 -26.64 -4.05
N LYS B 271 -19.32 -26.02 -5.19
CA LYS B 271 -18.45 -26.68 -6.17
C LYS B 271 -16.97 -26.31 -6.04
N LEU B 272 -16.67 -25.11 -5.52
CA LEU B 272 -15.27 -24.68 -5.32
C LEU B 272 -15.28 -23.62 -4.22
N VAL B 273 -14.83 -23.96 -3.03
CA VAL B 273 -14.83 -23.04 -1.89
C VAL B 273 -13.74 -21.96 -1.99
N LYS B 274 -14.15 -20.69 -1.86
CA LYS B 274 -13.23 -19.55 -1.94
C LYS B 274 -12.80 -19.03 -0.55
N MET B 275 -13.61 -19.26 0.47
CA MET B 275 -13.38 -18.83 1.85
CA MET B 275 -13.39 -18.81 1.84
C MET B 275 -14.07 -19.76 2.83
N SER B 276 -13.42 -20.12 3.94
CA SER B 276 -14.06 -20.98 4.94
C SER B 276 -14.08 -20.36 6.33
N TRP B 277 -15.11 -20.67 7.12
CA TRP B 277 -15.18 -20.16 8.51
C TRP B 277 -14.12 -20.81 9.40
N GLN B 278 -13.56 -20.11 10.39
CA GLN B 278 -12.80 -20.77 11.46
C GLN B 278 -13.77 -21.37 12.48
N THR B 279 -13.41 -22.49 13.08
CA THR B 279 -14.26 -23.07 14.13
C THR B 279 -14.40 -22.07 15.28
N LYS B 280 -15.59 -22.01 15.91
CA LYS B 280 -15.79 -21.02 16.99
C LYS B 280 -15.02 -21.40 18.25
N GLU B 281 -14.41 -20.39 18.87
CA GLU B 281 -13.63 -20.57 20.10
CA GLU B 281 -13.67 -20.61 20.13
C GLU B 281 -14.01 -19.57 21.19
N TYR B 282 -15.30 -19.31 21.37
CA TYR B 282 -15.77 -18.24 22.24
C TYR B 282 -15.27 -18.32 23.67
N ASN B 283 -15.11 -19.53 24.22
CA ASN B 283 -14.64 -19.70 25.59
C ASN B 283 -13.22 -19.16 25.77
N VAL B 284 -12.44 -19.08 24.70
CA VAL B 284 -11.07 -18.57 24.74
C VAL B 284 -10.95 -17.14 24.24
N VAL B 285 -11.59 -16.79 23.11
CA VAL B 285 -11.34 -15.51 22.47
C VAL B 285 -12.24 -14.39 22.96
N ARG B 286 -13.37 -14.65 23.60
CA ARG B 286 -14.23 -13.59 24.18
C ARG B 286 -14.15 -13.55 25.70
N ASN B 287 -14.26 -12.34 26.29
CA ASN B 287 -14.13 -12.29 27.74
C ASN B 287 -15.41 -11.80 28.42
N ASN B 288 -16.54 -11.81 27.73
CA ASN B 288 -17.81 -11.51 28.39
C ASN B 288 -18.93 -12.33 27.75
N VAL B 289 -19.99 -12.53 28.53
CA VAL B 289 -21.19 -13.23 28.07
C VAL B 289 -22.04 -12.33 27.16
C1 NAG C . 32.87 17.66 4.92
C2 NAG C . 33.21 17.17 3.49
C3 NAG C . 32.01 16.35 2.95
C4 NAG C . 31.67 15.22 3.93
C5 NAG C . 31.35 15.77 5.34
C6 NAG C . 31.06 14.76 6.42
C6 NAG C . 31.20 14.65 6.36
C7 NAG C . 34.55 18.86 2.21
C8 NAG C . 34.57 20.13 1.35
N2 NAG C . 33.39 18.45 2.73
O1 NAG C . 33.93 18.35 5.51
O3 NAG C . 32.38 15.83 1.65
O4 NAG C . 30.49 14.49 3.47
O5 NAG C . 32.51 16.54 5.79
O6 NAG C . 30.63 15.41 7.62
O6 NAG C . 30.57 13.52 5.77
O7 NAG C . 35.58 18.22 2.37
C1 GAL C . 30.71 13.15 3.00
C2 GAL C . 29.40 12.42 3.07
C3 GAL C . 29.59 11.05 2.43
C4 GAL C . 30.15 11.24 1.00
C5 GAL C . 31.43 11.96 0.99
C6 GAL C . 32.11 12.20 -0.34
O2 GAL C . 28.98 12.23 4.45
O3 GAL C . 28.32 10.36 2.46
O4 GAL C . 29.20 11.87 0.13
O5 GAL C . 31.20 13.27 1.63
O6 GAL C . 33.29 13.02 -0.19
C1 NAG D . -25.79 -23.64 13.29
C2 NAG D . -26.85 -22.58 12.86
C3 NAG D . -26.12 -21.34 12.25
C4 NAG D . -25.00 -20.90 13.21
C5 NAG D . -23.99 -22.00 13.51
C6 NAG D . -22.89 -21.57 14.47
C7 NAG D . -29.00 -23.53 12.00
C8 NAG D . -29.77 -24.06 10.78
N2 NAG D . -27.70 -23.29 11.83
O1 NAG D . -26.36 -24.73 13.97
O3 NAG D . -27.08 -20.31 12.05
O4 NAG D . -24.28 -19.77 12.64
O5 NAG D . -24.75 -23.08 14.16
O6 NAG D . -22.03 -22.70 14.71
O7 NAG D . -29.60 -23.22 13.02
C1 GAL D . -24.44 -18.50 13.28
C2 GAL D . -23.26 -17.66 12.90
C3 GAL D . -23.48 -16.23 13.44
C4 GAL D . -24.82 -15.70 12.89
C5 GAL D . -25.96 -16.60 13.20
C6 GAL D . -27.30 -16.25 12.59
O2 GAL D . -22.07 -18.20 13.51
O3 GAL D . -22.37 -15.44 13.01
O4 GAL D . -24.72 -15.55 11.46
O5 GAL D . -25.67 -17.97 12.72
O6 GAL D . -28.29 -17.21 13.01
N1 UDP E . 22.94 1.34 6.19
C2 UDP E . 22.34 0.65 7.25
N3 UDP E . 23.17 0.01 8.17
C4 UDP E . 24.60 -0.05 8.11
C5 UDP E . 25.22 0.85 7.17
C6 UDP E . 24.36 1.42 6.10
O2 UDP E . 21.12 0.46 7.25
O4 UDP E . 25.19 -0.47 9.11
C1' UDP E . 22.05 1.87 5.10
C2' UDP E . 21.22 3.10 5.57
O2' UDP E . 19.99 3.22 4.84
C3' UDP E . 22.24 4.21 5.34
C4' UDP E . 22.80 3.82 3.96
O4' UDP E . 22.85 2.37 4.01
O3' UDP E . 21.53 5.47 5.31
C5' UDP E . 24.21 4.38 3.58
O5' UDP E . 25.04 4.44 4.75
PA UDP E . 25.33 5.80 5.51
O1A UDP E . 24.10 6.63 5.43
O2A UDP E . 25.87 5.44 6.89
O3A UDP E . 26.50 6.50 4.64
PB UDP E . 26.92 8.08 4.73
O1B UDP E . 25.75 8.88 4.05
O2B UDP E . 28.16 8.15 3.90
O3B UDP E . 27.03 8.43 6.19
MN MN F . 23.65 8.63 4.53
C1 GOL G . 19.68 10.84 17.03
O1 GOL G . 20.39 10.01 18.21
C2 GOL G . 18.87 10.27 16.02
O2 GOL G . 18.02 9.38 16.59
C3 GOL G . 18.57 11.22 15.28
O3 GOL G . 17.55 12.41 15.26
C1 GOL H . 1.44 1.76 -12.24
O1 GOL H . 0.43 3.03 -12.30
C2 GOL H . 1.82 1.08 -13.41
O2 GOL H . 0.89 1.31 -14.36
C3 GOL H . 2.71 0.28 -13.21
O3 GOL H . 3.55 -0.94 -13.75
C1 GOL I . 18.27 6.91 20.41
O1 GOL I . 17.81 5.43 19.92
C2 GOL I . 18.39 8.03 19.56
O2 GOL I . 19.26 8.89 20.13
C3 GOL I . 17.32 8.15 19.00
O3 GOL I . 16.07 7.65 18.21
N1 UDP J . -14.04 -8.90 16.84
C2 UDP J . -12.80 -8.76 17.47
N3 UDP J . -12.75 -8.98 18.86
C4 UDP J . -13.88 -9.30 19.69
C5 UDP J . -15.08 -9.68 19.00
C6 UDP J . -15.21 -9.27 17.57
O2 UDP J . -11.80 -8.49 16.82
O4 UDP J . -13.67 -9.60 20.86
C1' UDP J . -14.12 -8.61 15.36
C2' UDP J . -13.45 -9.67 14.47
O2' UDP J . -13.04 -9.09 13.23
C3' UDP J . -14.61 -10.67 14.31
C4' UDP J . -15.81 -9.72 14.06
O4' UDP J . -15.51 -8.61 14.96
O3' UDP J . -14.36 -11.51 13.18
C5' UDP J . -17.26 -10.23 14.40
O5' UDP J . -17.24 -11.10 15.54
PA UDP J . -17.23 -12.69 15.46
O1A UDP J . -16.51 -13.05 14.23
O2A UDP J . -16.76 -13.23 16.78
O3A UDP J . -18.80 -13.03 15.26
PB UDP J . -19.39 -14.45 14.68
O1B UDP J . -19.01 -14.49 13.14
O2B UDP J . -20.87 -14.34 14.88
O3B UDP J . -18.70 -15.60 15.36
MN MN K . -17.10 -14.15 12.34
C1 GOL L . -7.10 -21.70 16.12
O1 GOL L . -6.71 -21.83 17.67
C2 GOL L . -6.75 -20.57 15.33
O2 GOL L . -5.65 -19.98 15.89
C3 GOL L . -6.90 -20.95 14.16
O3 GOL L . -6.11 -21.71 13.04
#